data_3KO6
#
_entry.id   3KO6
#
_cell.length_a   73.548
_cell.length_b   73.548
_cell.length_c   163.560
_cell.angle_alpha   90.00
_cell.angle_beta   90.00
_cell.angle_gamma   90.00
#
_symmetry.space_group_name_H-M   'P 43 21 2'
#
loop_
_entity.id
_entity.type
_entity.pdbx_description
1 polymer 'UPF0067 GAF domain-containing protein YKL069W'
2 non-polymer 'METHIONINE SULFOXIDE'
3 water water
#
_entity_poly.entity_id   1
_entity_poly.type   'polypeptide(L)'
_entity_poly.pdbx_seq_one_letter_code
;MGSSTGFHHADHVNYSSNLNKEEILEQLLLSYEGLSDGQVNWVCNLSNASSLIWHAYKSLAVDINWAGFYVTQASEENTL
ILGPFQGKVACQMIQFGKGVCGTAASTKETQIVPDVNKYPGHIACDGETKSEIVVPIISNDGKTLGVIDIDCLDYEGFDH
VDKEFLEKLAKLINKSCVFK
;
_entity_poly.pdbx_strand_id   A,B
#
# COMPACT_ATOMS: atom_id res chain seq x y z
N SER A 4 -24.54 -14.54 -7.56
CA SER A 4 -23.65 -13.37 -7.28
C SER A 4 -24.23 -12.38 -6.27
N THR A 5 -23.41 -12.02 -5.29
CA THR A 5 -23.79 -11.14 -4.18
C THR A 5 -24.17 -9.71 -4.56
N GLY A 6 -23.57 -9.20 -5.64
CA GLY A 6 -23.68 -7.79 -5.98
C GLY A 6 -22.62 -6.93 -5.30
N PHE A 7 -21.93 -7.48 -4.31
CA PHE A 7 -20.84 -6.79 -3.63
C PHE A 7 -19.53 -6.88 -4.42
N HIS A 8 -18.69 -5.86 -4.27
CA HIS A 8 -17.33 -5.89 -4.78
C HIS A 8 -16.38 -5.78 -3.60
N HIS A 9 -15.14 -6.26 -3.76
CA HIS A 9 -14.15 -6.15 -2.68
C HIS A 9 -14.10 -4.75 -2.11
N ALA A 10 -14.12 -3.73 -2.98
CA ALA A 10 -13.99 -2.33 -2.56
C ALA A 10 -15.08 -1.82 -1.61
N ASP A 11 -16.23 -2.49 -1.61
CA ASP A 11 -17.41 -2.06 -0.83
C ASP A 11 -17.16 -2.10 0.68
N HIS A 12 -16.06 -2.72 1.06
CA HIS A 12 -15.61 -2.74 2.45
C HIS A 12 -15.25 -1.36 2.99
N VAL A 13 -14.98 -0.40 2.10
CA VAL A 13 -14.54 0.93 2.56
C VAL A 13 -15.64 1.99 2.44
N ASN A 14 -16.84 1.53 2.09
CA ASN A 14 -18.03 2.35 2.27
C ASN A 14 -18.53 2.36 3.73
N TYR A 15 -18.20 3.44 4.43
CA TYR A 15 -18.69 3.72 5.77
C TYR A 15 -19.42 5.05 5.67
N SER A 16 -20.73 5.01 5.43
CA SER A 16 -21.53 6.22 5.48
C SER A 16 -21.18 6.93 6.78
N SER A 17 -21.06 8.26 6.70
CA SER A 17 -20.54 9.08 7.81
C SER A 17 -21.46 9.15 9.01
N ASN A 18 -22.68 8.64 8.85
CA ASN A 18 -23.67 8.62 9.94
C ASN A 18 -23.40 7.60 11.06
N LEU A 19 -22.56 6.60 10.77
CA LEU A 19 -22.14 5.60 11.75
C LEU A 19 -21.22 6.21 12.80
N ASN A 20 -21.32 5.75 14.06
CA ASN A 20 -20.39 6.22 15.08
C ASN A 20 -19.03 5.49 15.02
N LYS A 21 -18.08 5.98 15.82
CA LYS A 21 -16.72 5.45 15.84
C LYS A 21 -16.66 3.96 16.14
N GLU A 22 -17.40 3.53 17.16
CA GLU A 22 -17.46 2.12 17.53
C GLU A 22 -17.92 1.24 16.37
N GLU A 23 -19.00 1.63 15.69
CA GLU A 23 -19.54 0.86 14.56
C GLU A 23 -18.55 0.72 13.40
N ILE A 24 -17.96 1.86 13.00
CA ILE A 24 -16.95 1.90 11.94
C ILE A 24 -15.76 0.96 12.23
N LEU A 25 -15.20 1.05 13.42
CA LEU A 25 -14.04 0.23 13.77
C LEU A 25 -14.39 -1.25 13.93
N GLU A 26 -15.59 -1.52 14.45
CA GLU A 26 -16.07 -2.89 14.57
C GLU A 26 -16.27 -3.47 13.17
N GLN A 27 -16.86 -2.68 12.26
CA GLN A 27 -16.93 -3.05 10.84
C GLN A 27 -15.56 -3.31 10.20
N LEU A 28 -14.59 -2.45 10.48
CA LEU A 28 -13.22 -2.67 10.03
C LEU A 28 -12.71 -4.07 10.38
N LEU A 29 -12.81 -4.44 11.67
CA LEU A 29 -12.33 -5.75 12.17
C LEU A 29 -13.01 -6.93 11.47
N LEU A 30 -14.30 -6.79 11.21
CA LEU A 30 -15.06 -7.83 10.52
C LEU A 30 -14.69 -7.91 9.03
N SER A 31 -14.55 -6.76 8.40
CA SER A 31 -14.00 -6.69 7.06
C SER A 31 -12.63 -7.36 6.99
N TYR A 32 -11.75 -7.07 7.96
CA TYR A 32 -10.41 -7.67 7.95
C TYR A 32 -10.45 -9.19 8.03
N GLU A 33 -11.31 -9.74 8.88
CA GLU A 33 -11.45 -11.20 9.00
C GLU A 33 -11.86 -11.80 7.66
N GLY A 34 -12.93 -11.27 7.09
CA GLY A 34 -13.44 -11.75 5.82
C GLY A 34 -12.42 -11.68 4.69
N LEU A 35 -11.63 -10.61 4.68
CA LEU A 35 -10.63 -10.43 3.62
C LEU A 35 -9.38 -11.28 3.82
N SER A 36 -8.99 -11.46 5.09
CA SER A 36 -7.78 -12.22 5.41
C SER A 36 -8.01 -13.73 5.62
N ASP A 37 -9.26 -14.15 5.60
CA ASP A 37 -9.61 -15.55 5.83
C ASP A 37 -9.02 -16.51 4.79
N GLY A 38 -9.05 -16.10 3.53
CA GLY A 38 -8.65 -16.97 2.41
C GLY A 38 -7.17 -17.33 2.24
N GLN A 39 -6.28 -16.57 2.88
CA GLN A 39 -4.84 -16.78 2.71
C GLN A 39 -4.05 -16.28 3.91
N VAL A 40 -2.85 -16.84 4.07
CA VAL A 40 -1.92 -16.47 5.15
C VAL A 40 -0.92 -15.40 4.72
N ASN A 41 -0.85 -15.15 3.42
CA ASN A 41 0.09 -14.20 2.81
C ASN A 41 0.00 -12.79 3.43
N TRP A 42 1.07 -12.41 4.12
CA TRP A 42 1.04 -11.19 4.91
C TRP A 42 1.02 -9.90 4.07
N VAL A 43 1.63 -9.94 2.88
CA VAL A 43 1.68 -8.76 2.01
C VAL A 43 0.27 -8.41 1.55
N CYS A 44 -0.48 -9.44 1.16
CA CYS A 44 -1.88 -9.35 0.80
C CYS A 44 -2.73 -8.79 1.93
N ASN A 45 -2.67 -9.43 3.10
CA ASN A 45 -3.53 -9.05 4.22
C ASN A 45 -3.27 -7.63 4.74
N LEU A 46 -2.01 -7.23 4.79
CA LEU A 46 -1.67 -5.90 5.29
C LEU A 46 -1.98 -4.81 4.27
N SER A 47 -1.71 -5.08 2.99
CA SER A 47 -2.08 -4.14 1.93
C SER A 47 -3.53 -3.77 2.06
N ASN A 48 -4.41 -4.78 2.03
CA ASN A 48 -5.85 -4.57 2.22
C ASN A 48 -6.14 -3.91 3.57
N ALA A 49 -5.44 -4.33 4.63
CA ALA A 49 -5.67 -3.73 5.96
C ALA A 49 -5.40 -2.24 5.94
N SER A 50 -4.36 -1.83 5.19
CA SER A 50 -3.97 -0.43 5.12
C SER A 50 -5.09 0.39 4.49
N SER A 51 -5.69 -0.15 3.44
CA SER A 51 -6.84 0.49 2.81
C SER A 51 -8.00 0.66 3.82
N LEU A 52 -8.33 -0.41 4.55
CA LEU A 52 -9.34 -0.34 5.60
C LEU A 52 -9.06 0.75 6.64
N ILE A 53 -7.86 0.76 7.20
CA ILE A 53 -7.50 1.75 8.21
C ILE A 53 -7.69 3.15 7.63
N TRP A 54 -7.12 3.39 6.45
CA TRP A 54 -7.19 4.69 5.78
C TRP A 54 -8.62 5.18 5.62
N HIS A 55 -9.50 4.36 5.06
CA HIS A 55 -10.87 4.83 4.80
C HIS A 55 -11.71 4.98 6.04
N ALA A 56 -11.48 4.13 7.03
CA ALA A 56 -12.16 4.24 8.32
C ALA A 56 -11.89 5.60 8.93
N TYR A 57 -10.62 5.99 8.99
CA TYR A 57 -10.23 7.22 9.66
C TYR A 57 -10.67 8.45 8.88
N LYS A 58 -10.71 8.34 7.56
CA LYS A 58 -11.21 9.44 6.72
C LYS A 58 -12.70 9.61 6.99
N SER A 59 -13.37 8.48 7.14
CA SER A 59 -14.80 8.44 7.42
C SER A 59 -15.06 9.06 8.80
N LEU A 60 -14.10 8.86 9.71
CA LEU A 60 -14.16 9.40 11.06
C LEU A 60 -13.88 10.90 11.15
N ALA A 61 -13.59 11.51 9.99
CA ALA A 61 -13.16 12.92 9.87
C ALA A 61 -11.81 13.22 10.57
N VAL A 62 -10.98 12.19 10.73
CA VAL A 62 -9.61 12.40 11.20
C VAL A 62 -8.70 12.71 10.01
N ASP A 63 -8.00 13.84 10.07
CA ASP A 63 -7.16 14.26 8.96
C ASP A 63 -5.83 13.48 8.89
N ILE A 64 -5.92 12.20 8.53
CA ILE A 64 -4.74 11.34 8.46
C ILE A 64 -3.97 11.56 7.16
N ASN A 65 -2.66 11.31 7.21
CA ASN A 65 -1.79 11.45 6.03
C ASN A 65 -1.02 10.18 5.73
N TRP A 66 -1.01 9.25 6.69
CA TRP A 66 -0.39 7.93 6.52
C TRP A 66 -1.13 6.87 7.30
N ALA A 67 -1.23 5.68 6.74
CA ALA A 67 -1.79 4.53 7.40
C ALA A 67 -1.16 3.27 6.78
N GLY A 68 -0.42 2.50 7.59
CA GLY A 68 0.28 1.31 7.07
C GLY A 68 1.14 0.57 8.10
N PHE A 69 2.13 -0.17 7.60
CA PHE A 69 2.90 -1.09 8.45
C PHE A 69 4.40 -1.08 8.21
N TYR A 70 5.14 -1.44 9.25
CA TYR A 70 6.54 -1.85 9.12
C TYR A 70 6.60 -3.28 9.60
N VAL A 71 7.53 -4.05 9.06
CA VAL A 71 7.61 -5.45 9.40
C VAL A 71 9.04 -5.75 9.83
N THR A 72 9.17 -6.60 10.83
CA THR A 72 10.47 -7.03 11.33
C THR A 72 11.19 -7.79 10.23
N GLN A 73 12.40 -7.35 9.91
CA GLN A 73 13.17 -7.86 8.79
C GLN A 73 13.51 -9.33 8.99
N ALA A 74 13.51 -10.09 7.88
CA ALA A 74 13.79 -11.52 7.89
C ALA A 74 15.06 -11.84 8.67
N SER A 75 16.19 -11.40 8.12
CA SER A 75 17.51 -11.77 8.64
C SER A 75 17.83 -11.19 10.03
N GLU A 76 17.51 -9.91 10.22
CA GLU A 76 17.87 -9.18 11.43
C GLU A 76 16.69 -8.89 12.36
N GLU A 77 16.79 -9.39 13.59
CA GLU A 77 15.72 -9.33 14.62
C GLU A 77 15.34 -7.90 15.08
N ASN A 78 16.22 -6.93 14.85
CA ASN A 78 16.08 -5.58 15.44
C ASN A 78 15.90 -4.44 14.42
N THR A 79 15.39 -4.77 13.24
CA THR A 79 15.15 -3.77 12.20
C THR A 79 13.75 -3.89 11.57
N LEU A 80 13.04 -2.77 11.50
CA LEU A 80 11.78 -2.68 10.78
C LEU A 80 12.01 -2.30 9.33
N ILE A 81 11.35 -2.98 8.40
CA ILE A 81 11.41 -2.63 6.99
C ILE A 81 10.02 -2.23 6.49
N LEU A 82 9.95 -1.19 5.67
CA LEU A 82 8.68 -0.63 5.19
C LEU A 82 7.77 -1.69 4.55
N GLY A 83 6.52 -1.72 4.99
CA GLY A 83 5.53 -2.60 4.39
C GLY A 83 4.43 -1.81 3.69
N PRO A 84 3.32 -2.47 3.34
CA PRO A 84 2.21 -1.83 2.64
C PRO A 84 1.68 -0.62 3.39
N PHE A 85 1.15 0.35 2.66
CA PHE A 85 0.63 1.53 3.31
C PHE A 85 -0.20 2.35 2.38
N GLN A 86 -1.07 3.16 2.96
CA GLN A 86 -1.79 4.20 2.21
C GLN A 86 -1.22 5.53 2.65
N GLY A 87 -0.93 6.39 1.69
CA GLY A 87 -0.34 7.69 2.01
C GLY A 87 0.83 8.01 1.11
N LYS A 88 1.73 8.87 1.60
CA LYS A 88 2.88 9.30 0.80
C LYS A 88 4.12 8.48 1.09
N VAL A 89 5.05 8.50 0.12
CA VAL A 89 6.38 7.87 0.22
C VAL A 89 6.97 7.97 1.64
N ALA A 90 7.42 6.83 2.17
CA ALA A 90 7.84 6.74 3.56
C ALA A 90 9.23 6.15 3.73
N CYS A 91 9.76 6.27 4.94
CA CYS A 91 11.08 5.78 5.33
C CYS A 91 11.17 4.27 5.15
N GLN A 92 12.28 3.83 4.56
CA GLN A 92 12.46 2.44 4.17
C GLN A 92 12.73 1.53 5.34
N MET A 93 13.59 2.00 6.23
CA MET A 93 14.10 1.15 7.29
C MET A 93 14.19 1.92 8.60
N ILE A 94 13.77 1.27 9.68
CA ILE A 94 13.82 1.88 11.00
C ILE A 94 14.37 0.85 11.98
N GLN A 95 15.43 1.24 12.68
CA GLN A 95 15.99 0.39 13.75
C GLN A 95 15.03 0.31 14.94
N PHE A 96 15.04 -0.83 15.62
CA PHE A 96 14.34 -0.95 16.89
C PHE A 96 14.93 0.05 17.86
N GLY A 97 14.06 0.72 18.60
CA GLY A 97 14.51 1.69 19.59
C GLY A 97 14.49 3.11 19.05
N LYS A 98 14.33 3.25 17.73
CA LYS A 98 14.37 4.55 17.06
C LYS A 98 13.02 5.08 16.62
N GLY A 99 12.73 6.32 17.04
CA GLY A 99 11.48 6.98 16.69
C GLY A 99 10.24 6.26 17.23
N VAL A 100 9.05 6.76 16.93
CA VAL A 100 7.84 6.16 17.46
C VAL A 100 7.71 4.69 17.06
N CYS A 101 7.91 4.37 15.77
CA CYS A 101 7.84 2.99 15.28
C CYS A 101 8.81 2.02 15.94
N GLY A 102 10.09 2.39 15.99
CA GLY A 102 11.09 1.58 16.69
C GLY A 102 10.89 1.51 18.19
N THR A 103 10.23 2.50 18.78
CA THR A 103 9.97 2.52 20.22
C THR A 103 8.90 1.48 20.54
N ALA A 104 7.81 1.49 19.77
CA ALA A 104 6.78 0.47 19.88
C ALA A 104 7.34 -0.93 19.65
N ALA A 105 8.27 -1.06 18.71
CA ALA A 105 8.88 -2.36 18.38
C ALA A 105 9.68 -2.95 19.53
N SER A 106 10.34 -2.06 20.26
CA SER A 106 11.28 -2.41 21.31
C SER A 106 10.59 -2.65 22.66
N THR A 107 9.56 -1.86 22.91
CA THR A 107 8.83 -1.92 24.17
C THR A 107 7.70 -2.93 24.11
N LYS A 108 7.26 -3.24 22.89
CA LYS A 108 6.15 -4.17 22.63
C LYS A 108 4.84 -3.60 23.14
N GLU A 109 4.82 -2.27 23.25
CA GLU A 109 3.73 -1.49 23.82
C GLU A 109 3.31 -0.41 22.83
N THR A 110 2.05 -0.02 22.90
CA THR A 110 1.51 1.03 22.04
C THR A 110 2.05 2.43 22.38
N GLN A 111 2.31 3.21 21.34
CA GLN A 111 2.78 4.59 21.48
C GLN A 111 1.78 5.53 20.89
N ILE A 112 1.33 6.49 21.68
CA ILE A 112 0.44 7.56 21.21
C ILE A 112 1.15 8.89 21.45
N VAL A 113 1.38 9.64 20.36
CA VAL A 113 2.14 10.88 20.40
C VAL A 113 1.29 12.07 19.91
N PRO A 114 1.00 13.03 20.80
CA PRO A 114 0.14 14.16 20.46
C PRO A 114 0.84 15.24 19.63
N ASP A 115 2.15 15.40 19.82
CA ASP A 115 2.94 16.38 19.06
C ASP A 115 4.30 15.78 18.73
N VAL A 116 4.50 15.38 17.47
CA VAL A 116 5.72 14.65 17.06
C VAL A 116 6.98 15.50 17.09
N ASN A 117 6.81 16.79 16.84
CA ASN A 117 7.93 17.70 16.88
C ASN A 117 8.47 17.88 18.30
N LYS A 118 7.67 17.51 19.31
CA LYS A 118 8.10 17.53 20.71
C LYS A 118 8.56 16.16 21.22
N TYR A 119 8.69 15.21 20.31
CA TYR A 119 9.06 13.84 20.64
C TYR A 119 10.52 13.60 20.26
N PRO A 120 11.43 13.55 21.26
CA PRO A 120 12.86 13.37 20.94
C PRO A 120 13.08 12.08 20.16
N GLY A 121 13.76 12.15 19.03
CA GLY A 121 14.06 10.96 18.26
C GLY A 121 13.09 10.66 17.12
N HIS A 122 12.04 11.46 17.01
CA HIS A 122 11.02 11.31 15.98
C HIS A 122 11.62 11.22 14.59
N ILE A 123 11.20 10.19 13.85
CA ILE A 123 11.61 10.01 12.48
C ILE A 123 10.49 10.47 11.56
N ALA A 124 10.62 11.70 11.06
CA ALA A 124 9.60 12.28 10.20
C ALA A 124 9.78 11.80 8.78
N CYS A 125 8.84 10.99 8.31
CA CYS A 125 8.86 10.56 6.91
C CYS A 125 8.05 11.55 6.08
N ASP A 126 7.08 12.18 6.73
CA ASP A 126 6.27 13.23 6.14
C ASP A 126 6.39 14.44 7.06
N GLY A 127 6.91 15.54 6.53
CA GLY A 127 7.12 16.73 7.34
C GLY A 127 5.86 17.36 7.92
N GLU A 128 4.71 17.09 7.30
CA GLU A 128 3.45 17.73 7.72
C GLU A 128 2.76 17.03 8.90
N THR A 129 3.25 15.83 9.23
CA THR A 129 2.70 15.04 10.33
C THR A 129 2.85 15.75 11.66
N LYS A 130 1.74 15.95 12.36
CA LYS A 130 1.76 16.54 13.71
C LYS A 130 1.51 15.51 14.81
N SER A 131 0.69 14.49 14.55
CA SER A 131 0.50 13.45 15.57
C SER A 131 0.60 12.05 15.00
N GLU A 132 0.75 11.05 15.87
CA GLU A 132 1.01 9.68 15.44
C GLU A 132 0.61 8.64 16.48
N ILE A 133 0.10 7.49 16.01
CA ILE A 133 -0.07 6.33 16.88
C ILE A 133 0.58 5.12 16.24
N VAL A 134 1.26 4.31 17.08
CA VAL A 134 1.87 3.06 16.62
C VAL A 134 1.54 1.96 17.59
N VAL A 135 1.11 0.83 17.04
CA VAL A 135 0.67 -0.32 17.79
C VAL A 135 1.47 -1.52 17.29
N PRO A 136 2.16 -2.24 18.20
CA PRO A 136 2.98 -3.35 17.72
C PRO A 136 2.14 -4.60 17.42
N ILE A 137 2.65 -5.47 16.55
CA ILE A 137 2.01 -6.74 16.22
C ILE A 137 2.86 -7.83 16.86
N ILE A 138 2.26 -8.55 17.80
CA ILE A 138 2.96 -9.47 18.69
C ILE A 138 2.70 -10.92 18.28
N SER A 139 3.75 -11.72 18.17
CA SER A 139 3.64 -13.14 17.80
C SER A 139 3.13 -13.97 18.97
N ASN A 140 2.90 -15.24 18.69
CA ASN A 140 2.58 -16.22 19.72
C ASN A 140 3.62 -16.23 20.83
N ASP A 141 4.90 -16.16 20.46
CA ASP A 141 6.01 -16.21 21.42
C ASP A 141 6.34 -14.85 22.04
N GLY A 142 5.49 -13.85 21.83
CA GLY A 142 5.67 -12.53 22.42
C GLY A 142 6.67 -11.60 21.73
N LYS A 143 7.07 -11.94 20.49
CA LYS A 143 8.02 -11.14 19.73
C LYS A 143 7.34 -10.17 18.78
N THR A 144 7.99 -9.02 18.56
CA THR A 144 7.52 -8.01 17.63
C THR A 144 7.66 -8.45 16.17
N LEU A 145 6.54 -8.57 15.46
CA LEU A 145 6.53 -9.00 14.06
C LEU A 145 6.49 -7.84 13.09
N GLY A 146 6.07 -6.69 13.62
CA GLY A 146 5.93 -5.45 12.89
C GLY A 146 5.10 -4.47 13.69
N VAL A 147 4.76 -3.33 13.09
CA VAL A 147 3.98 -2.30 13.76
C VAL A 147 2.87 -1.79 12.87
N ILE A 148 1.77 -1.39 13.47
CA ILE A 148 0.74 -0.66 12.74
C ILE A 148 0.97 0.81 13.06
N ASP A 149 1.10 1.61 12.00
CA ASP A 149 1.43 3.03 12.14
C ASP A 149 0.41 3.91 11.43
N ILE A 150 -0.02 4.97 12.11
CA ILE A 150 -0.92 5.98 11.52
C ILE A 150 -0.43 7.38 11.88
N ASP A 151 -0.38 8.25 10.87
CA ASP A 151 -0.02 9.65 11.06
C ASP A 151 -1.20 10.59 10.83
N CYS A 152 -1.24 11.68 11.59
CA CYS A 152 -2.31 12.66 11.47
C CYS A 152 -1.74 14.05 11.28
N LEU A 153 -2.42 14.85 10.45
CA LEU A 153 -1.99 16.21 10.13
C LEU A 153 -2.34 17.22 11.22
N ASP A 154 -3.12 16.78 12.22
CA ASP A 154 -3.48 17.60 13.38
C ASP A 154 -2.80 17.08 14.63
N TYR A 155 -2.65 17.95 15.64
CA TYR A 155 -2.20 17.53 16.96
C TYR A 155 -3.25 16.68 17.67
N GLU A 156 -2.83 15.85 18.62
CA GLU A 156 -3.74 15.07 19.47
C GLU A 156 -4.79 14.26 18.68
N GLY A 157 -4.34 13.61 17.62
CA GLY A 157 -5.24 12.91 16.71
C GLY A 157 -5.81 11.58 17.22
N PHE A 158 -5.04 10.92 18.08
CA PHE A 158 -5.39 9.59 18.57
C PHE A 158 -5.46 9.50 20.09
N ASP A 159 -6.32 8.60 20.56
CA ASP A 159 -6.45 8.27 21.98
C ASP A 159 -6.70 6.79 22.19
N HIS A 160 -7.21 6.45 23.38
CA HIS A 160 -7.34 5.07 23.85
C HIS A 160 -8.27 4.20 22.98
N VAL A 161 -9.32 4.80 22.44
CA VAL A 161 -10.22 4.10 21.54
C VAL A 161 -9.46 3.58 20.30
N ASP A 162 -8.69 4.46 19.66
CA ASP A 162 -7.79 4.01 18.60
C ASP A 162 -6.83 2.90 19.07
N LYS A 163 -6.24 3.05 20.25
CA LYS A 163 -5.34 2.05 20.79
C LYS A 163 -6.06 0.72 21.00
N GLU A 164 -7.20 0.76 21.68
CA GLU A 164 -7.94 -0.46 21.99
C GLU A 164 -8.35 -1.27 20.74
N PHE A 165 -8.86 -0.56 19.73
CA PHE A 165 -9.22 -1.18 18.46
C PHE A 165 -8.01 -1.70 17.66
N LEU A 166 -6.94 -0.91 17.59
CA LEU A 166 -5.74 -1.28 16.83
C LEU A 166 -5.02 -2.46 17.46
N GLU A 167 -5.14 -2.59 18.78
CA GLU A 167 -4.61 -3.76 19.48
C GLU A 167 -5.39 -5.04 19.11
N LYS A 168 -6.68 -4.90 18.84
CA LYS A 168 -7.46 -6.05 18.35
C LYS A 168 -7.05 -6.41 16.94
N LEU A 169 -6.94 -5.40 16.08
CA LEU A 169 -6.53 -5.62 14.69
C LEU A 169 -5.19 -6.34 14.61
N ALA A 170 -4.27 -6.00 15.53
CA ALA A 170 -2.94 -6.60 15.55
C ALA A 170 -3.00 -8.10 15.87
N LYS A 171 -3.78 -8.44 16.91
CA LYS A 171 -4.04 -9.83 17.29
C LYS A 171 -4.64 -10.59 16.12
N LEU A 172 -5.58 -9.97 15.44
CA LEU A 172 -6.17 -10.56 14.25
C LEU A 172 -5.15 -10.82 13.15
N ILE A 173 -4.24 -9.86 12.96
CA ILE A 173 -3.19 -9.98 11.95
C ILE A 173 -2.28 -11.14 12.29
N ASN A 174 -1.85 -11.21 13.54
CA ASN A 174 -0.96 -12.28 13.95
C ASN A 174 -1.56 -13.65 13.69
N LYS A 175 -2.88 -13.76 13.84
CA LYS A 175 -3.59 -15.02 13.71
C LYS A 175 -3.87 -15.39 12.26
N SER A 176 -3.88 -14.38 11.38
CA SER A 176 -4.28 -14.56 9.98
C SER A 176 -3.11 -14.54 9.03
N CYS A 177 -1.93 -14.23 9.54
CA CYS A 177 -0.76 -14.04 8.69
C CYS A 177 0.40 -14.93 9.05
N VAL A 178 1.13 -15.41 8.04
CA VAL A 178 2.41 -16.04 8.27
C VAL A 178 3.54 -15.06 7.91
N PHE A 179 4.23 -14.59 8.93
CA PHE A 179 5.47 -13.84 8.77
C PHE A 179 6.67 -14.78 8.83
N SER B 4 20.78 18.55 7.93
CA SER B 4 19.50 18.03 7.35
C SER B 4 19.12 18.78 6.09
N THR B 5 18.75 18.02 5.06
CA THR B 5 18.45 18.53 3.73
C THR B 5 17.18 19.38 3.66
N GLY B 6 16.35 19.31 4.69
CA GLY B 6 15.06 19.98 4.66
C GLY B 6 14.07 19.29 3.74
N PHE B 7 14.45 18.09 3.28
CA PHE B 7 13.56 17.29 2.47
C PHE B 7 13.06 16.15 3.34
N HIS B 8 11.82 15.74 3.10
CA HIS B 8 11.31 14.50 3.72
C HIS B 8 11.02 13.48 2.64
N HIS B 9 10.94 12.22 3.05
CA HIS B 9 10.59 11.12 2.16
C HIS B 9 9.33 11.44 1.36
N ALA B 10 8.33 12.02 2.05
CA ALA B 10 7.05 12.38 1.43
C ALA B 10 7.19 13.36 0.26
N ASP B 11 8.28 14.14 0.25
CA ASP B 11 8.51 15.15 -0.78
C ASP B 11 8.58 14.60 -2.20
N HIS B 12 8.87 13.30 -2.33
CA HIS B 12 8.92 12.68 -3.65
C HIS B 12 7.61 12.77 -4.42
N VAL B 13 6.49 12.94 -3.72
CA VAL B 13 5.17 13.05 -4.36
C VAL B 13 4.55 14.42 -4.19
N ASN B 14 5.35 15.38 -3.74
CA ASN B 14 4.92 16.76 -3.73
C ASN B 14 5.27 17.43 -5.08
N TYR B 15 4.63 16.94 -6.15
CA TYR B 15 4.71 17.52 -7.50
C TYR B 15 3.95 18.86 -7.51
N SER B 16 3.92 19.49 -8.69
CA SER B 16 3.01 20.57 -8.96
C SER B 16 2.22 20.20 -10.21
N SER B 17 0.97 20.60 -10.23
CA SER B 17 0.04 20.30 -11.32
C SER B 17 0.36 21.01 -12.65
N ASN B 18 1.35 21.91 -12.64
CA ASN B 18 1.74 22.66 -13.84
C ASN B 18 2.89 22.02 -14.64
N LEU B 19 3.43 20.92 -14.15
CA LEU B 19 4.46 20.19 -14.86
C LEU B 19 3.82 19.37 -15.98
N ASN B 20 4.48 19.28 -17.13
CA ASN B 20 3.96 18.43 -18.21
C ASN B 20 4.13 16.95 -17.90
N LYS B 21 3.35 16.12 -18.56
CA LYS B 21 3.36 14.67 -18.35
C LYS B 21 4.75 14.03 -18.38
N GLU B 22 5.60 14.46 -19.32
CA GLU B 22 6.95 13.92 -19.48
C GLU B 22 7.83 14.18 -18.26
N GLU B 23 7.73 15.40 -17.73
CA GLU B 23 8.47 15.81 -16.53
C GLU B 23 8.10 14.97 -15.31
N ILE B 24 6.80 14.80 -15.08
CA ILE B 24 6.30 14.06 -13.91
C ILE B 24 6.70 12.59 -13.97
N LEU B 25 6.53 11.98 -15.13
CA LEU B 25 6.86 10.59 -15.29
C LEU B 25 8.34 10.30 -15.15
N GLU B 26 9.17 11.19 -15.69
CA GLU B 26 10.61 11.01 -15.57
C GLU B 26 11.08 11.30 -14.14
N GLN B 27 10.39 12.21 -13.46
CA GLN B 27 10.62 12.49 -12.04
C GLN B 27 10.33 11.27 -11.20
N LEU B 28 9.29 10.52 -11.60
CA LEU B 28 8.93 9.30 -10.91
C LEU B 28 10.02 8.27 -11.06
N LEU B 29 10.56 8.14 -12.28
CA LEU B 29 11.58 7.11 -12.50
C LEU B 29 12.79 7.41 -11.62
N LEU B 30 13.17 8.68 -11.54
CA LEU B 30 14.28 9.07 -10.69
C LEU B 30 13.99 8.86 -9.21
N SER B 31 12.78 9.22 -8.78
CA SER B 31 12.38 9.03 -7.39
C SER B 31 12.46 7.56 -7.01
N TYR B 32 11.86 6.69 -7.82
CA TYR B 32 11.89 5.24 -7.57
C TYR B 32 13.33 4.74 -7.38
N GLU B 33 14.18 5.13 -8.33
CA GLU B 33 15.60 4.79 -8.35
C GLU B 33 16.32 5.20 -7.06
N GLY B 34 16.13 6.45 -6.62
CA GLY B 34 16.64 6.94 -5.35
C GLY B 34 16.08 6.21 -4.13
N LEU B 35 14.80 5.88 -4.17
CA LEU B 35 14.13 5.27 -3.04
C LEU B 35 14.42 3.78 -2.91
N SER B 36 14.65 3.11 -4.04
CA SER B 36 14.87 1.65 -4.06
C SER B 36 16.35 1.28 -4.02
N ASP B 37 17.20 2.30 -3.94
CA ASP B 37 18.64 2.15 -4.02
C ASP B 37 19.22 1.38 -2.85
N GLY B 38 18.84 1.78 -1.64
CA GLY B 38 19.42 1.21 -0.43
C GLY B 38 18.97 -0.16 0.06
N GLN B 39 18.01 -0.79 -0.62
CA GLN B 39 17.55 -2.15 -0.27
C GLN B 39 16.86 -2.85 -1.43
N VAL B 40 17.00 -4.17 -1.48
CA VAL B 40 16.37 -4.99 -2.50
C VAL B 40 14.99 -5.51 -2.08
N ASN B 41 14.59 -5.22 -0.84
CA ASN B 41 13.29 -5.63 -0.30
C ASN B 41 12.12 -5.21 -1.19
N TRP B 42 11.40 -6.18 -1.75
CA TRP B 42 10.43 -5.83 -2.77
C TRP B 42 9.16 -5.18 -2.19
N VAL B 43 8.82 -5.47 -0.94
CA VAL B 43 7.60 -4.91 -0.37
C VAL B 43 7.82 -3.44 -0.13
N CYS B 44 8.98 -3.12 0.45
CA CYS B 44 9.37 -1.75 0.70
C CYS B 44 9.43 -0.98 -0.61
N ASN B 45 10.10 -1.54 -1.60
CA ASN B 45 10.23 -0.89 -2.88
C ASN B 45 8.90 -0.76 -3.62
N LEU B 46 8.04 -1.77 -3.56
CA LEU B 46 6.74 -1.65 -4.27
C LEU B 46 5.71 -0.80 -3.50
N SER B 47 5.84 -0.75 -2.18
CA SER B 47 4.99 0.14 -1.41
C SER B 47 5.18 1.59 -1.85
N ASN B 48 6.39 2.13 -1.66
CA ASN B 48 6.73 3.47 -2.16
C ASN B 48 6.36 3.67 -3.64
N ALA B 49 6.58 2.66 -4.48
CA ALA B 49 6.21 2.81 -5.90
C ALA B 49 4.71 3.02 -6.10
N SER B 50 3.88 2.35 -5.28
CA SER B 50 2.44 2.58 -5.40
C SER B 50 2.10 4.04 -5.07
N SER B 51 2.76 4.59 -4.06
CA SER B 51 2.58 5.98 -3.72
C SER B 51 3.05 6.92 -4.84
N LEU B 52 4.19 6.62 -5.44
CA LEU B 52 4.69 7.43 -6.55
C LEU B 52 3.71 7.43 -7.69
N ILE B 53 3.24 6.25 -8.08
CA ILE B 53 2.32 6.12 -9.20
C ILE B 53 1.03 6.86 -8.85
N TRP B 54 0.45 6.56 -7.70
CA TRP B 54 -0.83 7.18 -7.28
C TRP B 54 -0.78 8.69 -7.47
N HIS B 55 0.15 9.36 -6.78
CA HIS B 55 0.27 10.82 -6.83
C HIS B 55 0.66 11.35 -8.19
N ALA B 56 1.45 10.61 -8.95
CA ALA B 56 1.74 11.05 -10.32
C ALA B 56 0.47 11.16 -11.16
N TYR B 57 -0.41 10.16 -11.10
CA TYR B 57 -1.64 10.25 -11.91
C TYR B 57 -2.68 11.24 -11.37
N LYS B 58 -2.72 11.44 -10.04
CA LYS B 58 -3.62 12.45 -9.48
C LYS B 58 -3.22 13.81 -9.97
N SER B 59 -1.91 14.00 -10.09
CA SER B 59 -1.33 15.27 -10.45
C SER B 59 -1.56 15.54 -11.93
N LEU B 60 -1.55 14.49 -12.73
CA LEU B 60 -1.95 14.56 -14.15
C LEU B 60 -3.46 14.69 -14.36
N ALA B 61 -4.21 14.73 -13.27
CA ALA B 61 -5.68 14.86 -13.29
C ALA B 61 -6.42 13.71 -13.99
N VAL B 62 -5.82 12.52 -13.88
CA VAL B 62 -6.48 11.27 -14.24
C VAL B 62 -7.21 10.82 -12.99
N ASP B 63 -8.52 10.60 -13.11
CA ASP B 63 -9.34 10.20 -11.96
C ASP B 63 -9.11 8.73 -11.53
N ILE B 64 -7.91 8.41 -11.06
CA ILE B 64 -7.61 7.01 -10.70
C ILE B 64 -8.27 6.56 -9.40
N ASN B 65 -8.57 5.28 -9.30
CA ASN B 65 -9.12 4.73 -8.07
C ASN B 65 -8.22 3.67 -7.48
N TRP B 66 -7.14 3.34 -8.19
CA TRP B 66 -6.25 2.28 -7.74
C TRP B 66 -4.90 2.34 -8.43
N ALA B 67 -3.83 2.12 -7.68
CA ALA B 67 -2.47 2.05 -8.25
C ALA B 67 -1.61 1.12 -7.42
N GLY B 68 -1.17 0.03 -8.01
CA GLY B 68 -0.49 -0.95 -7.17
C GLY B 68 0.03 -2.13 -7.93
N PHE B 69 0.27 -3.22 -7.19
CA PHE B 69 0.97 -4.40 -7.73
C PHE B 69 0.30 -5.73 -7.37
N TYR B 70 0.49 -6.72 -8.25
CA TYR B 70 0.29 -8.13 -7.94
C TYR B 70 1.61 -8.80 -8.21
N VAL B 71 1.93 -9.81 -7.42
CA VAL B 71 3.21 -10.48 -7.55
C VAL B 71 2.96 -11.98 -7.73
N THR B 72 3.85 -12.65 -8.43
CA THR B 72 3.74 -14.09 -8.68
C THR B 72 4.07 -14.87 -7.42
N GLN B 73 3.15 -15.75 -7.04
CA GLN B 73 3.30 -16.62 -5.88
C GLN B 73 4.57 -17.46 -5.89
N ALA B 74 5.25 -17.50 -4.74
CA ALA B 74 6.44 -18.32 -4.52
C ALA B 74 6.16 -19.80 -4.82
N SER B 75 5.10 -20.31 -4.20
CA SER B 75 4.61 -21.66 -4.44
C SER B 75 4.13 -21.80 -5.90
N GLU B 76 3.10 -21.04 -6.26
CA GLU B 76 2.41 -21.21 -7.53
C GLU B 76 2.91 -20.26 -8.65
N GLU B 77 3.53 -20.88 -9.66
CA GLU B 77 4.10 -20.17 -10.82
C GLU B 77 3.04 -19.59 -11.78
N ASN B 78 1.78 -20.00 -11.60
CA ASN B 78 0.65 -19.50 -12.41
C ASN B 78 -0.41 -18.75 -11.61
N THR B 79 0.02 -18.05 -10.57
CA THR B 79 -0.88 -17.33 -9.67
C THR B 79 -0.30 -15.98 -9.21
N LEU B 80 -1.08 -14.92 -9.40
CA LEU B 80 -0.75 -13.60 -8.89
C LEU B 80 -1.42 -13.41 -7.54
N ILE B 81 -0.69 -12.82 -6.61
CA ILE B 81 -1.23 -12.52 -5.29
C ILE B 81 -1.08 -11.03 -4.95
N LEU B 82 -2.13 -10.45 -4.37
CA LEU B 82 -2.20 -9.01 -4.10
C LEU B 82 -0.96 -8.47 -3.39
N GLY B 83 -0.38 -7.42 -3.97
CA GLY B 83 0.78 -6.74 -3.41
C GLY B 83 0.41 -5.33 -2.98
N PRO B 84 1.42 -4.49 -2.66
CA PRO B 84 1.14 -3.14 -2.18
C PRO B 84 0.38 -2.32 -3.18
N PHE B 85 -0.53 -1.47 -2.68
CA PHE B 85 -1.30 -0.57 -3.52
C PHE B 85 -1.76 0.64 -2.77
N GLN B 86 -2.07 1.69 -3.53
CA GLN B 86 -2.89 2.80 -3.05
C GLN B 86 -4.23 2.60 -3.73
N GLY B 87 -5.30 2.76 -2.95
CA GLY B 87 -6.65 2.59 -3.43
C GLY B 87 -7.52 1.87 -2.43
N LYS B 88 -8.67 1.40 -2.90
CA LYS B 88 -9.58 0.66 -2.04
C LYS B 88 -9.20 -0.80 -2.07
N VAL B 89 -9.68 -1.52 -1.06
CA VAL B 89 -9.55 -2.95 -0.93
C VAL B 89 -9.77 -3.65 -2.27
N ALA B 90 -8.92 -4.65 -2.55
CA ALA B 90 -8.95 -5.35 -3.83
C ALA B 90 -8.83 -6.85 -3.70
N CYS B 91 -9.03 -7.57 -4.81
CA CYS B 91 -8.99 -9.03 -4.86
C CYS B 91 -7.62 -9.59 -4.45
N GLN B 92 -7.65 -10.64 -3.65
CA GLN B 92 -6.46 -11.27 -3.07
C GLN B 92 -5.61 -12.03 -4.07
N MET B 93 -6.25 -12.65 -5.06
CA MET B 93 -5.61 -13.68 -5.87
C MET B 93 -6.21 -13.76 -7.26
N ILE B 94 -5.35 -13.94 -8.26
CA ILE B 94 -5.75 -13.92 -9.67
C ILE B 94 -4.90 -14.95 -10.42
N GLN B 95 -5.56 -15.87 -11.13
CA GLN B 95 -4.86 -16.90 -11.88
C GLN B 95 -4.31 -16.34 -13.18
N PHE B 96 -3.14 -16.82 -13.59
CA PHE B 96 -2.58 -16.45 -14.88
C PHE B 96 -3.59 -16.80 -15.96
N GLY B 97 -3.79 -15.88 -16.90
CA GLY B 97 -4.74 -16.09 -17.99
C GLY B 97 -6.14 -15.56 -17.69
N LYS B 98 -6.39 -15.18 -16.44
CA LYS B 98 -7.71 -14.68 -16.01
C LYS B 98 -7.65 -13.20 -15.66
N GLY B 99 -8.61 -12.44 -16.18
CA GLY B 99 -8.65 -11.01 -16.02
C GLY B 99 -7.55 -10.24 -16.73
N VAL B 100 -7.68 -8.92 -16.77
CA VAL B 100 -6.64 -8.03 -17.31
C VAL B 100 -5.28 -8.28 -16.63
N CYS B 101 -5.27 -8.41 -15.30
CA CYS B 101 -4.01 -8.72 -14.61
C CYS B 101 -3.41 -10.08 -15.00
N GLY B 102 -4.24 -11.12 -14.96
CA GLY B 102 -3.81 -12.45 -15.30
C GLY B 102 -3.44 -12.64 -16.76
N THR B 103 -4.01 -11.82 -17.63
CA THR B 103 -3.70 -11.90 -19.06
C THR B 103 -2.37 -11.23 -19.33
N ALA B 104 -2.17 -10.10 -18.65
CA ALA B 104 -0.88 -9.45 -18.67
C ALA B 104 0.20 -10.45 -18.26
N ALA B 105 -0.12 -11.26 -17.24
CA ALA B 105 0.82 -12.21 -16.67
C ALA B 105 1.23 -13.32 -17.63
N SER B 106 0.25 -13.98 -18.26
CA SER B 106 0.54 -15.14 -19.12
C SER B 106 1.02 -14.81 -20.54
N THR B 107 0.56 -13.67 -21.06
CA THR B 107 0.96 -13.20 -22.39
C THR B 107 2.24 -12.38 -22.34
N LYS B 108 2.59 -11.93 -21.13
CA LYS B 108 3.71 -11.00 -20.86
C LYS B 108 3.58 -9.71 -21.67
N GLU B 109 2.34 -9.31 -21.92
CA GLU B 109 2.02 -8.20 -22.80
C GLU B 109 1.15 -7.18 -22.09
N THR B 110 1.58 -5.93 -22.12
CA THR B 110 0.88 -4.84 -21.48
C THR B 110 -0.58 -4.81 -21.95
N GLN B 111 -1.50 -4.63 -21.02
CA GLN B 111 -2.91 -4.49 -21.35
C GLN B 111 -3.39 -3.06 -21.12
N ILE B 112 -3.81 -2.39 -22.18
CA ILE B 112 -4.43 -1.06 -22.07
C ILE B 112 -5.93 -1.16 -22.38
N VAL B 113 -6.75 -0.88 -21.37
CA VAL B 113 -8.17 -1.18 -21.46
C VAL B 113 -9.00 0.10 -21.34
N PRO B 114 -9.66 0.50 -22.46
CA PRO B 114 -10.46 1.73 -22.47
C PRO B 114 -11.80 1.57 -21.76
N ASP B 115 -12.34 0.36 -21.76
CA ASP B 115 -13.63 0.05 -21.17
C ASP B 115 -13.54 -1.35 -20.55
N VAL B 116 -13.47 -1.43 -19.23
CA VAL B 116 -13.31 -2.72 -18.60
C VAL B 116 -14.57 -3.63 -18.73
N ASN B 117 -15.75 -3.03 -18.84
CA ASN B 117 -16.99 -3.82 -18.99
C ASN B 117 -17.09 -4.56 -20.32
N LYS B 118 -16.18 -4.21 -21.24
CA LYS B 118 -16.14 -4.83 -22.56
C LYS B 118 -14.96 -5.80 -22.67
N TYR B 119 -14.19 -5.89 -21.57
CA TYR B 119 -13.06 -6.80 -21.48
C TYR B 119 -13.52 -8.18 -21.00
N PRO B 120 -13.48 -9.18 -21.89
CA PRO B 120 -14.03 -10.46 -21.47
C PRO B 120 -13.27 -11.04 -20.28
N GLY B 121 -14.02 -11.39 -19.24
CA GLY B 121 -13.45 -11.99 -18.05
C GLY B 121 -12.79 -10.99 -17.12
N HIS B 122 -12.97 -9.70 -17.38
CA HIS B 122 -12.48 -8.66 -16.46
C HIS B 122 -12.85 -8.97 -15.01
N ILE B 123 -11.93 -8.68 -14.08
CA ILE B 123 -12.13 -8.90 -12.65
C ILE B 123 -12.33 -7.59 -11.92
N ALA B 124 -13.57 -7.28 -11.58
CA ALA B 124 -13.90 -6.02 -10.94
C ALA B 124 -13.72 -6.10 -9.43
N CYS B 125 -12.55 -5.67 -8.93
CA CYS B 125 -12.36 -5.60 -7.48
C CYS B 125 -13.10 -4.40 -6.90
N ASP B 126 -13.14 -3.33 -7.69
CA ASP B 126 -13.88 -2.10 -7.38
C ASP B 126 -14.86 -1.98 -8.52
N GLY B 127 -16.16 -1.88 -8.21
CA GLY B 127 -17.19 -1.86 -9.26
C GLY B 127 -17.25 -0.55 -10.05
N GLU B 128 -16.54 0.46 -9.55
CA GLU B 128 -16.58 1.81 -10.14
C GLU B 128 -15.54 1.98 -11.25
N THR B 129 -14.59 1.06 -11.34
CA THR B 129 -13.55 1.11 -12.35
C THR B 129 -14.14 1.07 -13.74
N LYS B 130 -13.75 2.03 -14.58
CA LYS B 130 -14.17 2.06 -15.98
C LYS B 130 -13.01 1.76 -16.94
N SER B 131 -11.78 2.09 -16.57
CA SER B 131 -10.65 1.75 -17.45
C SER B 131 -9.41 1.36 -16.68
N GLU B 132 -8.46 0.72 -17.37
CA GLU B 132 -7.35 0.06 -16.69
C GLU B 132 -6.13 -0.15 -17.59
N ILE B 133 -4.95 -0.09 -17.00
CA ILE B 133 -3.73 -0.50 -17.67
C ILE B 133 -2.93 -1.42 -16.74
N VAL B 134 -2.38 -2.48 -17.32
CA VAL B 134 -1.59 -3.44 -16.59
C VAL B 134 -0.30 -3.74 -17.36
N VAL B 135 0.83 -3.63 -16.65
CA VAL B 135 2.14 -3.82 -17.23
C VAL B 135 2.89 -4.92 -16.48
N PRO B 136 3.25 -6.02 -17.17
CA PRO B 136 4.02 -7.12 -16.61
C PRO B 136 5.43 -6.68 -16.17
N ILE B 137 5.86 -7.20 -15.03
CA ILE B 137 7.25 -7.08 -14.60
C ILE B 137 7.94 -8.40 -14.95
N ILE B 138 9.02 -8.31 -15.72
CA ILE B 138 9.68 -9.45 -16.33
C ILE B 138 11.06 -9.67 -15.72
N SER B 139 11.37 -10.93 -15.40
CA SER B 139 12.66 -11.27 -14.80
C SER B 139 13.77 -11.33 -15.85
N ASN B 140 15.02 -11.45 -15.39
CA ASN B 140 16.16 -11.67 -16.28
C ASN B 140 15.93 -12.86 -17.18
N ASP B 141 15.27 -13.88 -16.66
CA ASP B 141 14.97 -15.10 -17.42
C ASP B 141 13.66 -15.01 -18.24
N GLY B 142 13.15 -13.80 -18.43
CA GLY B 142 11.93 -13.59 -19.22
C GLY B 142 10.63 -14.09 -18.58
N LYS B 143 10.63 -14.21 -17.26
CA LYS B 143 9.48 -14.75 -16.53
C LYS B 143 8.74 -13.68 -15.72
N THR B 144 7.39 -13.76 -15.72
CA THR B 144 6.54 -12.79 -14.99
C THR B 144 6.75 -12.84 -13.47
N LEU B 145 7.20 -11.72 -12.91
CA LEU B 145 7.43 -11.62 -11.47
C LEU B 145 6.20 -11.02 -10.76
N GLY B 146 5.35 -10.36 -11.54
CA GLY B 146 4.26 -9.58 -11.03
C GLY B 146 3.79 -8.62 -12.10
N VAL B 147 2.80 -7.82 -11.77
CA VAL B 147 2.28 -6.83 -12.72
C VAL B 147 2.08 -5.49 -12.01
N ILE B 148 2.20 -4.41 -12.77
CA ILE B 148 1.80 -3.09 -12.30
C ILE B 148 0.38 -2.84 -12.82
N ASP B 149 -0.46 -2.27 -11.98
CA ASP B 149 -1.88 -2.16 -12.29
C ASP B 149 -2.41 -0.81 -11.85
N ILE B 150 -3.19 -0.16 -12.71
CA ILE B 150 -3.75 1.16 -12.40
C ILE B 150 -5.19 1.21 -12.88
N ASP B 151 -6.12 1.58 -12.00
CA ASP B 151 -7.51 1.65 -12.42
C ASP B 151 -7.92 3.09 -12.52
N CYS B 152 -8.94 3.35 -13.34
CA CYS B 152 -9.42 4.71 -13.53
C CYS B 152 -10.94 4.71 -13.55
N LEU B 153 -11.53 5.81 -13.09
CA LEU B 153 -13.00 5.90 -12.94
C LEU B 153 -13.70 6.36 -14.22
N ASP B 154 -12.94 6.93 -15.15
CA ASP B 154 -13.46 7.32 -16.45
C ASP B 154 -13.06 6.27 -17.46
N TYR B 155 -13.80 6.19 -18.57
CA TYR B 155 -13.33 5.39 -19.68
C TYR B 155 -12.09 6.03 -20.28
N GLU B 156 -11.29 5.21 -20.94
CA GLU B 156 -10.22 5.71 -21.80
C GLU B 156 -9.16 6.46 -20.98
N GLY B 157 -8.84 5.93 -19.81
CA GLY B 157 -7.95 6.66 -18.91
C GLY B 157 -6.50 6.73 -19.36
N PHE B 158 -6.10 5.80 -20.23
CA PHE B 158 -4.68 5.52 -20.46
C PHE B 158 -4.29 5.37 -21.94
N ASP B 159 -2.98 5.55 -22.21
CA ASP B 159 -2.41 5.34 -23.54
C ASP B 159 -0.99 4.76 -23.51
N HIS B 160 -0.37 4.68 -24.71
CA HIS B 160 0.93 4.04 -24.90
C HIS B 160 2.12 4.83 -24.37
N VAL B 161 1.88 6.06 -23.95
CA VAL B 161 2.88 6.82 -23.20
C VAL B 161 2.95 6.25 -21.79
N ASP B 162 1.79 6.00 -21.19
CA ASP B 162 1.71 5.33 -19.88
C ASP B 162 2.37 3.95 -19.95
N LYS B 163 2.12 3.21 -21.02
CA LYS B 163 2.75 1.91 -21.20
C LYS B 163 4.28 2.09 -21.20
N GLU B 164 4.75 3.04 -22.01
CA GLU B 164 6.18 3.22 -22.21
C GLU B 164 6.88 3.46 -20.88
N PHE B 165 6.37 4.42 -20.11
CA PHE B 165 6.94 4.76 -18.83
C PHE B 165 6.78 3.66 -17.81
N LEU B 166 5.68 2.91 -17.85
CA LEU B 166 5.48 1.85 -16.85
C LEU B 166 6.36 0.65 -17.13
N GLU B 167 6.72 0.48 -18.40
CA GLU B 167 7.64 -0.57 -18.79
C GLU B 167 9.06 -0.22 -18.33
N LYS B 168 9.42 1.04 -18.46
CA LYS B 168 10.65 1.54 -17.86
C LYS B 168 10.67 1.21 -16.36
N LEU B 169 9.59 1.54 -15.67
CA LEU B 169 9.48 1.31 -14.23
C LEU B 169 9.56 -0.17 -13.82
N ALA B 170 8.94 -1.04 -14.60
CA ALA B 170 8.96 -2.47 -14.33
C ALA B 170 10.38 -2.98 -14.45
N LYS B 171 11.14 -2.43 -15.38
CA LYS B 171 12.55 -2.80 -15.50
C LYS B 171 13.38 -2.39 -14.28
N LEU B 172 13.14 -1.18 -13.77
CA LEU B 172 13.83 -0.72 -12.58
C LEU B 172 13.44 -1.60 -11.39
N ILE B 173 12.16 -1.96 -11.31
CA ILE B 173 11.69 -2.87 -10.28
C ILE B 173 12.45 -4.20 -10.36
N ASN B 174 12.55 -4.79 -11.54
CA ASN B 174 13.34 -6.00 -11.68
C ASN B 174 14.80 -5.80 -11.26
N LYS B 175 15.41 -4.69 -11.68
CA LYS B 175 16.84 -4.48 -11.45
C LYS B 175 17.17 -4.30 -9.97
N SER B 176 16.21 -3.74 -9.22
CA SER B 176 16.40 -3.27 -7.84
C SER B 176 15.73 -4.13 -6.74
N CYS B 177 14.88 -5.07 -7.13
CA CYS B 177 14.17 -5.90 -6.15
C CYS B 177 14.53 -7.37 -6.31
N VAL B 178 14.60 -8.07 -5.18
CA VAL B 178 14.71 -9.53 -5.19
C VAL B 178 13.34 -10.11 -4.85
N PHE B 179 12.78 -10.86 -5.80
CA PHE B 179 11.52 -11.57 -5.58
C PHE B 179 11.77 -13.03 -5.22
#